data_3FYD
#
_entry.id   3FYD
#
_cell.length_a   40.236
_cell.length_b   65.906
_cell.length_c   61.932
_cell.angle_alpha   90.00
_cell.angle_beta   108.10
_cell.angle_gamma   90.00
#
_symmetry.space_group_name_H-M   'P 1 21 1'
#
loop_
_entity.id
_entity.type
_entity.pdbx_description
1 polymer 'Probable dimethyladenosine transferase'
2 non-polymer 'SULFATE ION'
3 water water
#
_entity_poly.entity_id   1
_entity_poly.type   'polypeptide(L)'
_entity_poly.pdbx_seq_one_letter_code
;QCFLIDKNFVNKAVESANLTKDDVVLEIGLGKGILTEELAKNAKKVYVIEIDKSLEPYANKLKELYNNIEIIWGDALKVD
LNKLDFNKVVANLPYQISSPITFKLIKRGFDLAVLMYQYEFAKRMVAAAGTKDYGRLSVAVQSRADVEIVAKVPPSAFYP
KPKVYSAIVKIKPNKGKYHIENENFFDDFLRAIFQHRNKSVRKALIDSSKELNYNKDEMKKILEDFLNTNSEIKNLINEK
VFKLSVKDIVNLSNEFYRFLQNR
;
_entity_poly.pdbx_strand_id   A
#
# COMPACT_ATOMS: atom_id res chain seq x y z
N GLN A 1 -12.92 -18.46 -4.37
CA GLN A 1 -12.38 -17.90 -3.10
C GLN A 1 -11.38 -18.84 -2.46
N CYS A 2 -10.10 -18.46 -2.52
CA CYS A 2 -9.01 -19.22 -1.90
C CYS A 2 -8.87 -18.84 -0.42
N PHE A 3 -9.35 -19.72 0.46
CA PHE A 3 -9.28 -19.53 1.90
C PHE A 3 -7.89 -19.93 2.35
N LEU A 4 -7.37 -19.22 3.35
CA LEU A 4 -6.12 -19.60 4.00
C LEU A 4 -6.43 -20.75 4.95
N ILE A 5 -5.79 -21.89 4.75
CA ILE A 5 -6.10 -23.09 5.53
C ILE A 5 -4.95 -23.51 6.47
N ASP A 6 -3.76 -22.94 6.23
CA ASP A 6 -2.54 -23.36 6.94
C ASP A 6 -2.29 -22.51 8.18
N LYS A 7 -2.55 -23.10 9.34
CA LYS A 7 -2.45 -22.36 10.60
C LYS A 7 -1.05 -21.81 10.84
N ASN A 8 -0.04 -22.48 10.30
CA ASN A 8 1.33 -21.96 10.39
C ASN A 8 1.51 -20.57 9.78
N PHE A 9 0.81 -20.29 8.68
CA PHE A 9 0.86 -18.98 8.07
C PHE A 9 -0.01 -17.98 8.82
N VAL A 10 -1.14 -18.44 9.34
CA VAL A 10 -1.93 -17.63 10.26
C VAL A 10 -1.01 -17.15 11.38
N ASN A 11 -0.33 -18.09 12.04
CA ASN A 11 0.58 -17.82 13.15
C ASN A 11 1.64 -16.78 12.77
N LYS A 12 2.31 -16.98 11.64
CA LYS A 12 3.33 -16.03 11.18
C LYS A 12 2.77 -14.60 11.01
N ALA A 13 1.61 -14.48 10.37
CA ALA A 13 0.98 -13.18 10.21
C ALA A 13 0.68 -12.54 11.58
N VAL A 14 0.06 -13.31 12.47
CA VAL A 14 -0.34 -12.79 13.80
C VAL A 14 0.90 -12.39 14.63
N GLU A 15 1.94 -13.24 14.63
CA GLU A 15 3.18 -12.91 15.34
C GLU A 15 3.76 -11.57 14.85
N SER A 16 3.74 -11.37 13.52
CA SER A 16 4.32 -10.18 12.91
C SER A 16 3.54 -8.93 13.30
N ALA A 17 2.26 -9.12 13.59
CA ALA A 17 1.35 -8.02 13.96
C ALA A 17 1.62 -7.49 15.37
N ASN A 18 2.42 -8.24 16.13
CA ASN A 18 2.83 -7.85 17.47
C ASN A 18 1.65 -7.37 18.33
N LEU A 19 0.62 -8.21 18.42
CA LEU A 19 -0.63 -7.84 19.07
C LEU A 19 -0.60 -7.86 20.59
N THR A 20 -1.34 -6.92 21.18
CA THR A 20 -1.62 -6.95 22.62
C THR A 20 -3.10 -6.69 22.83
N LYS A 21 -3.56 -6.87 24.06
CA LYS A 21 -4.96 -6.64 24.41
C LYS A 21 -5.38 -5.15 24.39
N ASP A 22 -4.45 -4.25 24.05
CA ASP A 22 -4.83 -2.84 23.81
C ASP A 22 -5.02 -2.51 22.34
N ASP A 23 -4.69 -3.47 21.47
CA ASP A 23 -4.84 -3.28 20.05
C ASP A 23 -6.24 -3.66 19.56
N VAL A 24 -6.71 -2.92 18.56
CA VAL A 24 -8.00 -3.21 17.91
C VAL A 24 -7.73 -3.48 16.44
N VAL A 25 -8.14 -4.67 15.98
CA VAL A 25 -7.72 -5.14 14.66
C VAL A 25 -8.87 -5.16 13.66
N LEU A 26 -8.62 -4.62 12.47
CA LEU A 26 -9.51 -4.79 11.34
C LEU A 26 -9.04 -5.97 10.51
N GLU A 27 -9.96 -6.90 10.26
CA GLU A 27 -9.65 -8.00 9.35
C GLU A 27 -10.57 -7.87 8.15
N ILE A 28 -9.97 -7.99 6.97
CA ILE A 28 -10.71 -7.96 5.71
C ILE A 28 -10.89 -9.39 5.26
N GLY A 29 -12.13 -9.87 5.39
CA GLY A 29 -12.51 -11.22 5.03
C GLY A 29 -12.52 -12.16 6.21
N LEU A 30 -13.61 -12.91 6.34
CA LEU A 30 -13.77 -13.87 7.40
C LEU A 30 -13.08 -15.21 7.08
N GLY A 31 -13.13 -15.64 5.82
CA GLY A 31 -12.71 -17.00 5.45
C GLY A 31 -13.35 -18.06 6.32
N LYS A 32 -12.53 -19.01 6.79
CA LYS A 32 -13.00 -20.07 7.68
C LYS A 32 -12.94 -19.66 9.16
N GLY A 33 -12.50 -18.41 9.39
CA GLY A 33 -12.42 -17.84 10.73
C GLY A 33 -11.20 -18.26 11.54
N ILE A 34 -10.25 -18.92 10.91
CA ILE A 34 -9.03 -19.39 11.62
C ILE A 34 -8.20 -18.17 12.05
N LEU A 35 -7.95 -17.28 11.10
CA LEU A 35 -7.25 -16.02 11.41
C LEU A 35 -8.07 -15.21 12.40
N THR A 36 -9.38 -15.11 12.16
CA THR A 36 -10.28 -14.35 13.04
C THR A 36 -10.11 -14.82 14.49
N GLU A 37 -10.13 -16.13 14.69
CA GLU A 37 -10.00 -16.67 16.05
C GLU A 37 -8.69 -16.23 16.72
N GLU A 38 -7.57 -16.33 15.99
CA GLU A 38 -6.27 -15.91 16.54
C GLU A 38 -6.25 -14.41 16.89
N LEU A 39 -6.84 -13.61 16.04
CA LEU A 39 -6.99 -12.18 16.31
C LEU A 39 -7.81 -11.93 17.59
N ALA A 40 -8.93 -12.64 17.72
CA ALA A 40 -9.85 -12.47 18.86
C ALA A 40 -9.17 -12.85 20.18
N LYS A 41 -8.34 -13.88 20.11
CA LYS A 41 -7.63 -14.38 21.28
C LYS A 41 -6.64 -13.34 21.81
N ASN A 42 -6.02 -12.61 20.89
CA ASN A 42 -4.85 -11.79 21.24
C ASN A 42 -5.05 -10.26 21.27
N ALA A 43 -6.10 -9.79 20.60
CA ALA A 43 -6.38 -8.34 20.50
C ALA A 43 -7.54 -7.93 21.42
N LYS A 44 -7.68 -6.64 21.66
CA LYS A 44 -8.84 -6.13 22.41
C LYS A 44 -10.16 -6.52 21.74
N LYS A 45 -10.21 -6.36 20.42
CA LYS A 45 -11.43 -6.55 19.65
C LYS A 45 -11.04 -6.66 18.20
N VAL A 46 -11.84 -7.41 17.43
CA VAL A 46 -11.59 -7.54 16.02
C VAL A 46 -12.86 -7.22 15.23
N TYR A 47 -12.72 -6.31 14.26
CA TYR A 47 -13.78 -6.04 13.27
C TYR A 47 -13.47 -6.93 12.08
N VAL A 48 -14.49 -7.59 11.53
CA VAL A 48 -14.30 -8.38 10.32
C VAL A 48 -15.22 -7.85 9.24
N ILE A 49 -14.66 -7.32 8.17
CA ILE A 49 -15.49 -6.92 7.04
C ILE A 49 -15.60 -8.12 6.11
N GLU A 50 -16.82 -8.58 5.89
CA GLU A 50 -17.09 -9.73 5.02
C GLU A 50 -18.26 -9.50 4.08
N ILE A 51 -18.08 -9.85 2.81
N ILE A 51 -18.09 -9.81 2.80
CA ILE A 51 -19.08 -9.62 1.75
CA ILE A 51 -19.16 -9.64 1.80
C ILE A 51 -20.01 -10.83 1.50
C ILE A 51 -20.11 -10.83 1.71
N ASP A 52 -19.55 -12.03 1.84
CA ASP A 52 -20.31 -13.26 1.59
C ASP A 52 -21.08 -13.74 2.82
N LYS A 53 -22.40 -13.51 2.79
CA LYS A 53 -23.27 -13.86 3.92
C LYS A 53 -23.43 -15.36 4.15
N SER A 54 -23.06 -16.18 3.16
CA SER A 54 -23.09 -17.64 3.32
C SER A 54 -22.07 -18.14 4.38
N LEU A 55 -21.14 -17.26 4.76
CA LEU A 55 -20.08 -17.58 5.73
C LEU A 55 -20.46 -17.33 7.18
N GLU A 56 -21.69 -16.87 7.39
CA GLU A 56 -22.21 -16.50 8.71
C GLU A 56 -22.14 -17.60 9.79
N PRO A 57 -22.36 -18.88 9.42
CA PRO A 57 -22.13 -19.96 10.40
C PRO A 57 -20.76 -19.94 11.05
N TYR A 58 -19.71 -19.61 10.28
CA TYR A 58 -18.39 -19.45 10.87
C TYR A 58 -18.38 -18.33 11.91
N ALA A 59 -18.98 -17.20 11.57
CA ALA A 59 -19.06 -16.04 12.47
C ALA A 59 -19.86 -16.35 13.75
N ASN A 60 -21.05 -16.94 13.57
CA ASN A 60 -21.92 -17.30 14.70
C ASN A 60 -21.24 -18.22 15.72
N LYS A 61 -20.58 -19.26 15.22
CA LYS A 61 -19.83 -20.19 16.07
C LYS A 61 -18.71 -19.49 16.85
N LEU A 62 -18.01 -18.56 16.19
CA LEU A 62 -16.92 -17.83 16.83
C LEU A 62 -17.42 -16.95 17.96
N LYS A 63 -18.56 -16.30 17.71
CA LYS A 63 -19.20 -15.39 18.66
C LYS A 63 -19.73 -16.11 19.90
N GLU A 64 -19.89 -17.43 19.81
CA GLU A 64 -20.22 -18.24 20.96
C GLU A 64 -18.99 -18.43 21.85
N LEU A 65 -17.81 -18.34 21.26
CA LEU A 65 -16.56 -18.58 22.00
C LEU A 65 -15.84 -17.30 22.39
N TYR A 66 -16.12 -16.23 21.66
CA TYR A 66 -15.47 -14.94 21.88
C TYR A 66 -16.48 -13.81 21.92
N ASN A 67 -16.33 -12.92 22.91
CA ASN A 67 -17.24 -11.79 23.03
C ASN A 67 -16.73 -10.51 22.35
N ASN A 68 -15.56 -10.60 21.70
CA ASN A 68 -14.88 -9.39 21.18
C ASN A 68 -14.73 -9.35 19.66
N ILE A 69 -15.66 -10.02 18.97
CA ILE A 69 -15.69 -10.03 17.51
C ILE A 69 -16.94 -9.29 17.01
N GLU A 70 -16.75 -8.35 16.07
CA GLU A 70 -17.88 -7.68 15.42
C GLU A 70 -17.78 -7.87 13.91
N ILE A 71 -18.82 -8.46 13.33
CA ILE A 71 -18.84 -8.68 11.90
C ILE A 71 -19.51 -7.51 11.20
N ILE A 72 -18.90 -7.05 10.12
CA ILE A 72 -19.48 -5.99 9.29
C ILE A 72 -19.74 -6.62 7.95
N TRP A 73 -21.02 -6.79 7.62
CA TRP A 73 -21.39 -7.38 6.34
C TRP A 73 -21.39 -6.30 5.27
N GLY A 74 -20.47 -6.41 4.34
CA GLY A 74 -20.40 -5.43 3.26
C GLY A 74 -19.10 -5.46 2.50
N ASP A 75 -18.91 -4.43 1.70
CA ASP A 75 -17.81 -4.32 0.76
C ASP A 75 -16.72 -3.46 1.37
N ALA A 76 -15.53 -4.03 1.60
CA ALA A 76 -14.43 -3.31 2.24
C ALA A 76 -13.98 -2.02 1.50
N LEU A 77 -14.27 -1.94 0.21
CA LEU A 77 -13.94 -0.73 -0.56
C LEU A 77 -15.01 0.35 -0.45
N LYS A 78 -16.13 0.00 0.18
CA LYS A 78 -17.30 0.89 0.27
C LYS A 78 -17.50 1.35 1.72
N VAL A 79 -17.21 0.44 2.66
CA VAL A 79 -17.37 0.71 4.09
C VAL A 79 -16.56 1.96 4.48
N ASP A 80 -17.18 2.85 5.24
CA ASP A 80 -16.49 4.04 5.72
C ASP A 80 -15.52 3.68 6.86
N LEU A 81 -14.23 3.55 6.56
CA LEU A 81 -13.27 3.13 7.57
C LEU A 81 -13.02 4.17 8.67
N ASN A 82 -13.32 5.42 8.38
CA ASN A 82 -13.20 6.52 9.33
C ASN A 82 -14.03 6.29 10.59
N LYS A 83 -15.11 5.52 10.46
CA LYS A 83 -16.07 5.28 11.56
C LYS A 83 -15.67 4.13 12.49
N LEU A 84 -14.57 3.46 12.17
CA LEU A 84 -14.14 2.29 12.96
C LEU A 84 -12.88 2.63 13.78
N ASP A 85 -12.78 2.09 14.98
CA ASP A 85 -11.69 2.45 15.92
C ASP A 85 -10.54 1.42 16.01
N PHE A 86 -10.09 0.94 14.88
CA PHE A 86 -8.97 -0.01 14.89
C PHE A 86 -7.62 0.73 14.87
N ASN A 87 -6.57 0.07 15.35
CA ASN A 87 -5.22 0.58 15.15
C ASN A 87 -4.32 -0.33 14.32
N LYS A 88 -4.79 -1.55 14.02
CA LYS A 88 -4.00 -2.50 13.22
C LYS A 88 -4.91 -3.22 12.24
N VAL A 89 -4.32 -3.74 11.18
CA VAL A 89 -5.06 -4.48 10.16
C VAL A 89 -4.31 -5.77 9.88
N VAL A 90 -5.01 -6.90 9.93
CA VAL A 90 -4.36 -8.19 9.63
C VAL A 90 -5.32 -8.99 8.78
N ALA A 91 -4.86 -9.42 7.60
CA ALA A 91 -5.81 -9.97 6.62
C ALA A 91 -5.14 -10.79 5.55
N ASN A 92 -5.85 -11.81 5.09
CA ASN A 92 -5.60 -12.38 3.80
C ASN A 92 -6.52 -11.65 2.83
N LEU A 93 -5.97 -10.71 2.06
CA LEU A 93 -6.82 -9.86 1.23
C LEU A 93 -7.40 -10.62 0.04
N PRO A 94 -8.64 -10.29 -0.36
CA PRO A 94 -9.06 -10.68 -1.70
C PRO A 94 -8.16 -9.95 -2.70
N TYR A 95 -7.46 -10.69 -3.56
CA TYR A 95 -6.37 -10.10 -4.33
C TYR A 95 -6.79 -9.01 -5.33
N GLN A 96 -8.00 -9.10 -5.87
N GLN A 96 -8.02 -9.10 -5.84
CA GLN A 96 -8.48 -8.08 -6.81
CA GLN A 96 -8.57 -8.13 -6.79
C GLN A 96 -8.48 -6.68 -6.20
C GLN A 96 -8.79 -6.72 -6.22
N ILE A 97 -8.75 -6.60 -4.89
CA ILE A 97 -8.80 -5.30 -4.21
C ILE A 97 -7.44 -4.79 -3.71
N SER A 98 -6.36 -5.53 -4.01
CA SER A 98 -5.04 -5.27 -3.42
C SER A 98 -4.64 -3.81 -3.42
N SER A 99 -4.69 -3.18 -4.59
CA SER A 99 -4.21 -1.81 -4.69
C SER A 99 -5.13 -0.80 -3.99
N PRO A 100 -6.42 -0.70 -4.42
CA PRO A 100 -7.27 0.32 -3.78
C PRO A 100 -7.42 0.16 -2.27
N ILE A 101 -7.53 -1.09 -1.77
CA ILE A 101 -7.59 -1.28 -0.31
C ILE A 101 -6.33 -0.77 0.42
N THR A 102 -5.15 -1.02 -0.16
CA THR A 102 -3.90 -0.64 0.47
C THR A 102 -3.85 0.86 0.67
N PHE A 103 -4.20 1.60 -0.38
CA PHE A 103 -4.15 3.06 -0.26
C PHE A 103 -5.28 3.62 0.58
N LYS A 104 -6.45 2.99 0.52
CA LYS A 104 -7.58 3.39 1.39
C LYS A 104 -7.21 3.23 2.87
N LEU A 105 -6.54 2.12 3.20
CA LEU A 105 -6.08 1.89 4.57
C LEU A 105 -4.99 2.87 5.01
N ILE A 106 -3.98 3.06 4.17
CA ILE A 106 -2.91 4.02 4.49
C ILE A 106 -3.47 5.45 4.67
N LYS A 107 -4.38 5.86 3.78
CA LYS A 107 -5.08 7.15 3.92
C LYS A 107 -5.77 7.28 5.29
N ARG A 108 -6.52 6.24 5.66
N ARG A 108 -6.52 6.25 5.69
CA ARG A 108 -7.21 6.19 6.94
CA ARG A 108 -7.22 6.26 6.98
C ARG A 108 -6.23 6.28 8.11
C ARG A 108 -6.23 6.27 8.15
N GLY A 109 -5.10 5.58 7.96
CA GLY A 109 -4.05 5.54 8.99
C GLY A 109 -4.16 4.29 9.84
N PHE A 110 -3.02 3.80 10.31
CA PHE A 110 -2.97 2.66 11.25
C PHE A 110 -1.55 2.56 11.82
N ASP A 111 -1.42 1.92 12.98
CA ASP A 111 -0.10 1.65 13.56
C ASP A 111 0.71 0.66 12.73
N LEU A 112 0.06 -0.44 12.32
CA LEU A 112 0.73 -1.54 11.68
C LEU A 112 -0.29 -2.39 10.95
N ALA A 113 0.05 -2.82 9.73
CA ALA A 113 -0.75 -3.81 9.03
C ALA A 113 0.14 -4.99 8.63
N VAL A 114 -0.45 -6.19 8.64
CA VAL A 114 0.19 -7.42 8.17
C VAL A 114 -0.82 -8.07 7.21
N LEU A 115 -0.51 -8.05 5.92
CA LEU A 115 -1.52 -8.36 4.90
C LEU A 115 -0.92 -9.32 3.89
N MET A 116 -1.73 -10.27 3.42
CA MET A 116 -1.32 -11.20 2.35
C MET A 116 -1.68 -10.64 0.99
N TYR A 117 -0.71 -10.68 0.10
CA TYR A 117 -0.91 -10.28 -1.29
C TYR A 117 -0.40 -11.41 -2.19
N GLN A 118 -0.76 -11.36 -3.46
CA GLN A 118 -0.07 -12.20 -4.42
C GLN A 118 1.42 -11.83 -4.43
N TYR A 119 2.27 -12.84 -4.59
CA TYR A 119 3.72 -12.63 -4.51
C TYR A 119 4.26 -11.52 -5.43
N GLU A 120 3.83 -11.49 -6.68
CA GLU A 120 4.36 -10.47 -7.62
C GLU A 120 4.02 -9.04 -7.19
N PHE A 121 2.80 -8.83 -6.66
CA PHE A 121 2.40 -7.55 -6.08
C PHE A 121 3.27 -7.18 -4.88
N ALA A 122 3.48 -8.13 -3.97
CA ALA A 122 4.36 -7.89 -2.81
C ALA A 122 5.77 -7.50 -3.23
N LYS A 123 6.33 -8.21 -4.20
CA LYS A 123 7.68 -7.89 -4.69
C LYS A 123 7.73 -6.45 -5.21
N ARG A 124 6.67 -6.02 -5.89
CA ARG A 124 6.60 -4.66 -6.41
C ARG A 124 6.53 -3.65 -5.26
N MET A 125 5.71 -3.95 -4.26
CA MET A 125 5.56 -3.06 -3.12
C MET A 125 6.89 -2.75 -2.44
N VAL A 126 7.75 -3.77 -2.30
CA VAL A 126 8.98 -3.67 -1.49
C VAL A 126 10.25 -3.45 -2.32
N ALA A 127 10.08 -3.36 -3.64
CA ALA A 127 11.19 -3.35 -4.58
C ALA A 127 12.13 -2.18 -4.30
N ALA A 128 13.43 -2.43 -4.38
CA ALA A 128 14.43 -1.37 -4.17
C ALA A 128 14.56 -0.50 -5.43
N ALA A 129 14.85 0.77 -5.24
CA ALA A 129 15.04 1.68 -6.39
C ALA A 129 16.04 1.11 -7.39
N GLY A 130 15.79 1.34 -8.68
CA GLY A 130 16.74 0.95 -9.74
C GLY A 130 16.70 -0.53 -10.12
N THR A 131 15.79 -1.28 -9.49
CA THR A 131 15.66 -2.70 -9.81
C THR A 131 14.47 -2.91 -10.74
N LYS A 132 14.42 -4.10 -11.35
CA LYS A 132 13.40 -4.43 -12.35
C LYS A 132 11.93 -4.34 -11.91
N ASP A 133 11.66 -4.63 -10.64
N ASP A 133 11.67 -4.62 -10.63
CA ASP A 133 10.30 -4.58 -10.09
CA ASP A 133 10.32 -4.59 -10.05
C ASP A 133 9.91 -3.19 -9.56
C ASP A 133 9.95 -3.23 -9.42
N TYR A 134 10.87 -2.29 -9.44
CA TYR A 134 10.62 -0.94 -8.90
C TYR A 134 9.72 -0.12 -9.84
N GLY A 135 8.63 0.41 -9.29
CA GLY A 135 7.67 1.15 -10.09
C GLY A 135 6.79 2.04 -9.25
N ARG A 136 5.75 2.58 -9.88
CA ARG A 136 4.85 3.53 -9.22
C ARG A 136 4.35 2.99 -7.87
N LEU A 137 3.97 1.71 -7.84
CA LEU A 137 3.42 1.12 -6.62
C LEU A 137 4.46 1.12 -5.50
N SER A 138 5.69 0.76 -5.87
CA SER A 138 6.84 0.76 -4.95
C SER A 138 6.95 2.14 -4.28
N VAL A 139 6.94 3.20 -5.10
CA VAL A 139 7.13 4.57 -4.57
C VAL A 139 5.89 5.05 -3.82
N ALA A 140 4.70 4.72 -4.33
CA ALA A 140 3.44 5.13 -3.68
C ALA A 140 3.32 4.57 -2.26
N VAL A 141 3.79 3.35 -2.05
CA VAL A 141 3.76 2.71 -0.72
C VAL A 141 4.95 3.15 0.13
N GLN A 142 6.17 3.02 -0.40
CA GLN A 142 7.36 3.28 0.42
C GLN A 142 7.51 4.75 0.85
N SER A 143 6.91 5.66 0.08
CA SER A 143 6.90 7.09 0.43
C SER A 143 6.02 7.35 1.64
N ARG A 144 5.18 6.38 1.98
CA ARG A 144 4.22 6.53 3.06
C ARG A 144 4.36 5.53 4.21
N ALA A 145 5.16 4.48 4.02
CA ALA A 145 5.23 3.40 5.00
C ALA A 145 6.52 2.63 4.82
N ASP A 146 7.02 2.04 5.89
CA ASP A 146 8.08 1.04 5.74
C ASP A 146 7.40 -0.31 5.50
N VAL A 147 7.89 -1.03 4.50
N VAL A 147 7.88 -1.05 4.49
CA VAL A 147 7.33 -2.31 4.10
CA VAL A 147 7.25 -2.30 4.06
C VAL A 147 8.42 -3.36 4.00
C VAL A 147 8.30 -3.40 3.77
N GLU A 148 8.03 -4.61 4.23
CA GLU A 148 8.91 -5.76 4.03
C GLU A 148 8.08 -7.04 3.88
N ILE A 149 8.59 -7.99 3.11
CA ILE A 149 7.96 -9.31 3.00
C ILE A 149 8.43 -10.13 4.20
N VAL A 150 7.46 -10.55 4.99
CA VAL A 150 7.69 -11.41 6.16
C VAL A 150 7.97 -12.85 5.72
N ALA A 151 7.12 -13.38 4.84
CA ALA A 151 7.28 -14.74 4.35
C ALA A 151 6.55 -14.96 3.02
N LYS A 152 7.10 -15.87 2.21
N LYS A 152 7.08 -15.90 2.24
CA LYS A 152 6.41 -16.35 1.03
CA LYS A 152 6.41 -16.37 1.01
C LYS A 152 5.39 -17.37 1.50
C LYS A 152 5.48 -17.53 1.34
N VAL A 153 4.27 -17.47 0.79
CA VAL A 153 3.19 -18.39 1.17
C VAL A 153 2.81 -19.27 -0.02
N PRO A 154 3.09 -20.59 0.06
CA PRO A 154 2.87 -21.45 -1.09
C PRO A 154 1.39 -21.71 -1.35
N PRO A 155 1.03 -22.11 -2.58
CA PRO A 155 -0.37 -22.43 -2.88
C PRO A 155 -0.97 -23.46 -1.91
N SER A 156 -0.16 -24.43 -1.48
CA SER A 156 -0.62 -25.49 -0.57
C SER A 156 -1.15 -24.98 0.77
N ALA A 157 -0.90 -23.70 1.07
CA ALA A 157 -1.42 -23.09 2.28
C ALA A 157 -2.90 -22.67 2.16
N PHE A 158 -3.45 -22.76 0.94
CA PHE A 158 -4.81 -22.29 0.63
C PHE A 158 -5.66 -23.42 0.06
N TYR A 159 -6.98 -23.30 0.23
CA TYR A 159 -7.92 -24.10 -0.52
C TYR A 159 -9.12 -23.27 -1.02
N PRO A 160 -9.51 -23.43 -2.30
CA PRO A 160 -8.77 -24.16 -3.33
C PRO A 160 -7.40 -23.54 -3.56
N LYS A 161 -6.47 -24.32 -4.12
CA LYS A 161 -5.12 -23.85 -4.35
C LYS A 161 -5.06 -22.78 -5.45
N PRO A 162 -4.40 -21.65 -5.14
CA PRO A 162 -4.28 -20.57 -6.12
C PRO A 162 -3.23 -20.93 -7.16
N LYS A 163 -3.13 -20.11 -8.21
CA LYS A 163 -2.23 -20.38 -9.33
C LYS A 163 -0.79 -19.96 -9.03
N VAL A 164 -0.65 -19.02 -8.08
CA VAL A 164 0.64 -18.43 -7.71
C VAL A 164 0.85 -18.35 -6.20
N TYR A 165 2.09 -18.10 -5.80
CA TYR A 165 2.42 -17.83 -4.40
C TYR A 165 1.79 -16.54 -3.91
N SER A 166 1.53 -16.46 -2.62
CA SER A 166 1.26 -15.19 -1.97
C SER A 166 2.46 -14.80 -1.11
N ALA A 167 2.37 -13.64 -0.46
CA ALA A 167 3.41 -13.19 0.47
C ALA A 167 2.74 -12.41 1.57
N ILE A 168 3.20 -12.63 2.80
CA ILE A 168 2.80 -11.82 3.92
C ILE A 168 3.71 -10.57 3.91
N VAL A 169 3.07 -9.41 3.92
CA VAL A 169 3.76 -8.11 3.89
C VAL A 169 3.42 -7.29 5.13
N LYS A 170 4.43 -6.81 5.84
CA LYS A 170 4.24 -5.96 7.02
C LYS A 170 4.36 -4.50 6.59
N ILE A 171 3.40 -3.67 6.98
CA ILE A 171 3.37 -2.28 6.57
C ILE A 171 3.29 -1.41 7.81
N LYS A 172 4.31 -0.54 8.02
CA LYS A 172 4.32 0.39 9.14
C LYS A 172 4.30 1.83 8.61
N PRO A 173 3.14 2.49 8.65
CA PRO A 173 3.06 3.87 8.19
C PRO A 173 4.12 4.76 8.82
N ASN A 174 4.65 5.68 8.02
CA ASN A 174 5.74 6.56 8.46
C ASN A 174 5.62 7.92 7.77
N LYS A 175 4.70 8.73 8.25
CA LYS A 175 4.48 10.09 7.71
C LYS A 175 5.75 10.96 7.74
N GLY A 176 6.42 10.98 8.89
CA GLY A 176 7.62 11.80 9.09
C GLY A 176 8.77 11.58 8.12
N LYS A 177 9.04 10.32 7.79
CA LYS A 177 10.23 9.98 6.98
C LYS A 177 10.43 10.84 5.73
N TYR A 178 9.37 11.01 4.94
CA TYR A 178 9.54 11.65 3.62
C TYR A 178 8.83 13.00 3.43
N HIS A 179 7.72 13.22 4.14
CA HIS A 179 7.05 14.54 4.20
C HIS A 179 6.61 15.10 2.84
N ILE A 180 5.36 14.84 2.50
CA ILE A 180 4.79 15.17 1.19
C ILE A 180 4.07 16.52 1.26
N GLU A 181 4.44 17.44 0.36
CA GLU A 181 3.89 18.81 0.35
C GLU A 181 2.41 18.86 0.04
N ASN A 182 2.01 18.07 -0.94
CA ASN A 182 0.65 18.08 -1.46
C ASN A 182 0.35 16.72 -2.05
N GLU A 183 -0.59 16.01 -1.46
CA GLU A 183 -0.87 14.60 -1.80
C GLU A 183 -1.39 14.46 -3.23
N ASN A 184 -2.35 15.32 -3.60
CA ASN A 184 -2.86 15.34 -4.98
C ASN A 184 -1.74 15.51 -5.99
N PHE A 185 -0.88 16.49 -5.76
CA PHE A 185 0.20 16.76 -6.72
C PHE A 185 1.19 15.59 -6.79
N PHE A 186 1.53 15.04 -5.63
CA PHE A 186 2.48 13.92 -5.56
C PHE A 186 1.92 12.75 -6.39
N ASP A 187 0.65 12.41 -6.18
CA ASP A 187 -0.02 11.35 -6.97
C ASP A 187 0.05 11.61 -8.46
N ASP A 188 -0.24 12.86 -8.85
CA ASP A 188 -0.20 13.26 -10.25
C ASP A 188 1.24 13.12 -10.79
N PHE A 189 2.20 13.58 -9.99
CA PHE A 189 3.61 13.53 -10.36
C PHE A 189 4.07 12.08 -10.58
N LEU A 190 3.74 11.21 -9.62
CA LEU A 190 4.07 9.78 -9.74
C LEU A 190 3.45 9.17 -10.98
N ARG A 191 2.15 9.46 -11.22
CA ARG A 191 1.47 8.91 -12.40
C ARG A 191 2.24 9.34 -13.66
N ALA A 192 2.61 10.61 -13.72
CA ALA A 192 3.26 11.18 -14.92
C ALA A 192 4.61 10.51 -15.21
N ILE A 193 5.48 10.47 -14.22
CA ILE A 193 6.85 9.95 -14.43
C ILE A 193 6.87 8.44 -14.70
N PHE A 194 6.07 7.67 -13.97
CA PHE A 194 6.01 6.22 -14.19
C PHE A 194 5.22 5.76 -15.42
N GLN A 195 4.61 6.69 -16.16
CA GLN A 195 4.11 6.37 -17.51
C GLN A 195 5.27 6.23 -18.50
N HIS A 196 6.47 6.62 -18.08
CA HIS A 196 7.68 6.48 -18.93
C HIS A 196 8.89 6.13 -18.06
N ARG A 197 8.85 4.96 -17.41
CA ARG A 197 9.79 4.65 -16.33
C ARG A 197 11.26 4.50 -16.77
N ASN A 198 11.50 4.19 -18.04
CA ASN A 198 12.86 4.08 -18.54
C ASN A 198 13.36 5.35 -19.21
N LYS A 199 12.59 6.43 -19.13
CA LYS A 199 13.02 7.73 -19.66
C LYS A 199 13.56 8.59 -18.53
N SER A 200 14.32 9.63 -18.88
CA SER A 200 14.70 10.61 -17.86
C SER A 200 13.42 11.26 -17.30
N VAL A 201 13.50 11.71 -16.06
CA VAL A 201 12.37 12.37 -15.39
C VAL A 201 11.94 13.55 -16.25
N ARG A 202 12.93 14.32 -16.75
CA ARG A 202 12.65 15.46 -17.62
C ARG A 202 11.76 15.05 -18.80
N LYS A 203 12.21 14.05 -19.57
CA LYS A 203 11.47 13.60 -20.75
C LYS A 203 10.09 12.98 -20.43
N ALA A 204 10.01 12.23 -19.33
CA ALA A 204 8.75 11.65 -18.86
C ALA A 204 7.75 12.76 -18.53
N LEU A 205 8.23 13.80 -17.83
CA LEU A 205 7.35 14.93 -17.46
C LEU A 205 6.83 15.68 -18.68
N ILE A 206 7.67 15.83 -19.70
CA ILE A 206 7.25 16.51 -20.94
C ILE A 206 6.23 15.63 -21.69
N ASP A 207 6.54 14.34 -21.86
CA ASP A 207 5.64 13.41 -22.53
C ASP A 207 4.27 13.36 -21.85
N SER A 208 4.28 13.30 -20.52
CA SER A 208 3.06 13.22 -19.70
C SER A 208 2.61 14.56 -19.13
N SER A 209 2.93 15.65 -19.83
CA SER A 209 2.69 16.98 -19.29
C SER A 209 1.21 17.21 -18.99
N LYS A 210 0.34 16.62 -19.82
CA LYS A 210 -1.11 16.77 -19.64
C LYS A 210 -1.59 16.18 -18.30
N GLU A 211 -0.84 15.23 -17.74
CA GLU A 211 -1.19 14.66 -16.42
C GLU A 211 -1.05 15.68 -15.32
N LEU A 212 -0.20 16.67 -15.56
CA LEU A 212 0.00 17.77 -14.62
C LEU A 212 -0.67 19.05 -15.13
N ASN A 213 -1.48 18.90 -16.17
CA ASN A 213 -2.26 19.98 -16.77
C ASN A 213 -1.46 21.14 -17.34
N TYR A 214 -0.38 20.76 -18.02
CA TYR A 214 0.44 21.67 -18.85
C TYR A 214 0.57 21.10 -20.26
N ASN A 215 0.74 21.97 -21.25
CA ASN A 215 1.05 21.50 -22.59
C ASN A 215 2.55 21.19 -22.69
N LYS A 216 2.95 20.46 -23.72
CA LYS A 216 4.34 20.01 -23.81
C LYS A 216 5.37 21.18 -23.87
N ASP A 217 5.03 22.24 -24.61
CA ASP A 217 5.87 23.45 -24.73
C ASP A 217 6.02 24.18 -23.38
N GLU A 218 4.90 24.40 -22.70
CA GLU A 218 4.89 24.94 -21.34
C GLU A 218 5.81 24.16 -20.41
N MET A 219 5.64 22.84 -20.41
CA MET A 219 6.42 21.95 -19.54
C MET A 219 7.92 22.01 -19.84
N LYS A 220 8.29 22.00 -21.12
CA LYS A 220 9.70 22.10 -21.52
C LYS A 220 10.35 23.38 -20.93
N LYS A 221 9.66 24.50 -21.08
CA LYS A 221 10.11 25.80 -20.53
C LYS A 221 10.12 25.81 -19.00
N ILE A 222 9.05 25.30 -18.39
CA ILE A 222 8.98 25.11 -16.94
C ILE A 222 10.23 24.39 -16.45
N LEU A 223 10.55 23.26 -17.10
CA LEU A 223 11.65 22.41 -16.64
C LEU A 223 13.03 23.06 -16.83
N GLU A 224 13.17 23.84 -17.88
CA GLU A 224 14.39 24.62 -18.10
C GLU A 224 14.60 25.61 -16.95
N ASP A 225 13.53 26.32 -16.59
CA ASP A 225 13.57 27.28 -15.48
C ASP A 225 13.82 26.58 -14.13
N PHE A 226 13.09 25.50 -13.89
CA PHE A 226 13.21 24.66 -12.67
C PHE A 226 14.62 24.16 -12.48
N LEU A 227 15.22 23.64 -13.56
CA LEU A 227 16.60 23.15 -13.57
C LEU A 227 17.60 24.21 -13.14
N ASN A 228 17.31 25.49 -13.42
CA ASN A 228 18.18 26.56 -13.01
C ASN A 228 18.13 26.94 -11.52
N THR A 229 17.24 26.33 -10.73
CA THR A 229 17.13 26.72 -9.31
C THR A 229 18.28 26.19 -8.44
N ASN A 230 18.67 24.94 -8.64
CA ASN A 230 19.92 24.42 -8.03
C ASN A 230 20.46 23.22 -8.79
N SER A 231 21.73 22.90 -8.55
N SER A 231 21.73 22.90 -8.55
CA SER A 231 22.41 21.82 -9.27
CA SER A 231 22.41 21.82 -9.27
C SER A 231 21.84 20.44 -8.99
C SER A 231 21.83 20.45 -8.99
N GLU A 232 21.28 20.26 -7.79
CA GLU A 232 20.72 18.94 -7.38
C GLU A 232 19.56 18.55 -8.27
N ILE A 233 18.68 19.54 -8.52
CA ILE A 233 17.53 19.38 -9.41
C ILE A 233 17.94 18.93 -10.83
N LYS A 234 18.95 19.60 -11.38
CA LYS A 234 19.47 19.28 -12.71
C LYS A 234 19.83 17.78 -12.82
N ASN A 235 20.60 17.31 -11.85
CA ASN A 235 21.06 15.93 -11.85
C ASN A 235 19.93 14.93 -11.61
N LEU A 236 19.00 15.27 -10.73
CA LEU A 236 17.80 14.45 -10.52
C LEU A 236 16.96 14.31 -11.78
N ILE A 237 16.63 15.44 -12.42
CA ILE A 237 15.70 15.39 -13.55
C ILE A 237 16.31 14.77 -14.81
N ASN A 238 17.64 14.76 -14.89
CA ASN A 238 18.36 14.10 -16.00
C ASN A 238 18.49 12.57 -15.82
N GLU A 239 18.23 12.07 -14.62
CA GLU A 239 18.31 10.64 -14.35
C GLU A 239 17.04 9.89 -14.78
N LYS A 240 17.19 8.61 -15.11
CA LYS A 240 16.05 7.76 -15.46
C LYS A 240 15.11 7.63 -14.25
N VAL A 241 13.83 7.73 -14.54
CA VAL A 241 12.80 7.68 -13.50
C VAL A 241 13.00 6.53 -12.52
N PHE A 242 13.18 5.32 -13.04
CA PHE A 242 13.18 4.15 -12.17
C PHE A 242 14.45 4.03 -11.33
N LYS A 243 15.45 4.86 -11.62
CA LYS A 243 16.70 4.86 -10.88
C LYS A 243 16.72 5.82 -9.67
N LEU A 244 15.73 6.71 -9.59
N LEU A 244 15.73 6.69 -9.57
CA LEU A 244 15.62 7.63 -8.46
CA LEU A 244 15.67 7.63 -8.45
C LEU A 244 15.16 6.86 -7.23
C LEU A 244 15.09 6.95 -7.23
N SER A 245 15.74 7.19 -6.08
CA SER A 245 15.29 6.64 -4.81
C SER A 245 13.95 7.25 -4.43
N VAL A 246 13.25 6.58 -3.51
CA VAL A 246 12.01 7.14 -2.96
C VAL A 246 12.25 8.53 -2.35
N LYS A 247 13.31 8.67 -1.55
CA LYS A 247 13.65 9.97 -0.94
C LYS A 247 13.74 11.06 -2.00
N ASP A 248 14.44 10.74 -3.09
CA ASP A 248 14.71 11.71 -4.14
C ASP A 248 13.47 12.05 -4.95
N ILE A 249 12.60 11.07 -5.19
CA ILE A 249 11.32 11.37 -5.85
C ILE A 249 10.43 12.29 -5.00
N VAL A 250 10.35 12.01 -3.70
CA VAL A 250 9.54 12.86 -2.81
C VAL A 250 10.08 14.28 -2.75
N ASN A 251 11.38 14.42 -2.51
N ASN A 251 11.39 14.41 -2.53
CA ASN A 251 12.03 15.74 -2.49
CA ASN A 251 12.06 15.71 -2.48
C ASN A 251 11.80 16.50 -3.80
C ASN A 251 11.92 16.51 -3.78
N LEU A 252 12.10 15.84 -4.92
CA LEU A 252 11.92 16.44 -6.25
C LEU A 252 10.50 16.94 -6.47
N SER A 253 9.53 16.07 -6.20
CA SER A 253 8.12 16.46 -6.32
C SER A 253 7.75 17.62 -5.41
N ASN A 254 8.24 17.61 -4.16
CA ASN A 254 8.01 18.72 -3.23
C ASN A 254 8.56 20.03 -3.78
N GLU A 255 9.81 19.99 -4.26
CA GLU A 255 10.45 21.20 -4.80
C GLU A 255 9.73 21.69 -6.05
N PHE A 256 9.32 20.75 -6.90
CA PHE A 256 8.58 21.06 -8.11
C PHE A 256 7.22 21.70 -7.81
N TYR A 257 6.51 21.16 -6.81
CA TYR A 257 5.21 21.74 -6.41
C TYR A 257 5.38 23.20 -6.01
N ARG A 258 6.31 23.44 -5.08
CA ARG A 258 6.60 24.78 -4.59
C ARG A 258 6.95 25.72 -5.76
N PHE A 259 7.77 25.22 -6.69
CA PHE A 259 8.18 25.98 -7.88
C PHE A 259 6.98 26.36 -8.77
N LEU A 260 6.04 25.43 -8.91
CA LEU A 260 4.85 25.67 -9.72
C LEU A 260 3.82 26.53 -9.02
N GLN A 261 3.75 26.42 -7.69
CA GLN A 261 2.85 27.24 -6.86
C GLN A 261 3.25 28.72 -6.87
N ASN A 262 4.35 29.01 -7.56
N ASN A 262 4.37 29.02 -7.55
CA ASN A 262 4.80 30.37 -7.82
CA ASN A 262 4.77 30.40 -7.79
C ASN A 262 4.05 30.97 -9.01
C ASN A 262 4.23 30.89 -9.14
N ARG A 263 3.27 30.14 -9.69
CA ARG A 263 2.52 30.51 -10.91
C ARG A 263 3.40 31.08 -12.04
#